data_9OBM
#
_entry.id   9OBM
#
_entity_poly.entity_id   1
_entity_poly.type   'polyribonucleotide'
_entity_poly.pdbx_seq_one_letter_code
;GGUAGCACUAAAGUGCUUAUAGUGCAGGUAGUGUUUAGUUAUCUACUGCAUUAUGAGCACUUAAAGUACUGCC
;
_entity_poly.pdbx_strand_id   A
#
loop_
_chem_comp.id
_chem_comp.type
_chem_comp.name
_chem_comp.formula
A RNA linking ADENOSINE-5'-MONOPHOSPHATE 'C10 H14 N5 O7 P'
C RNA linking CYTIDINE-5'-MONOPHOSPHATE 'C9 H14 N3 O8 P'
G RNA linking GUANOSINE-5'-MONOPHOSPHATE 'C10 H14 N5 O8 P'
U RNA linking URIDINE-5'-MONOPHOSPHATE 'C9 H13 N2 O9 P'
#